data_2H9H
#
_entry.id   2H9H
#
_cell.length_a   44.672
_cell.length_b   56.055
_cell.length_c   80.974
_cell.angle_alpha   90.00
_cell.angle_beta   90.00
_cell.angle_gamma   90.00
#
_symmetry.space_group_name_H-M   'P 21 21 21'
#
loop_
_entity.id
_entity.type
_entity.pdbx_description
1 polymer 'Hepatitis A virus protease 3C'
2 polymer 'Three residue peptide'
3 non-polymer N-[(BENZYLOXY)CARBONYL]-L-ALANINE
4 water water
#
loop_
_entity_poly.entity_id
_entity_poly.type
_entity_poly.pdbx_seq_one_letter_code
_entity_poly.pdbx_strand_id
1 'polypeptide(L)'
;STLEIAGLVRKNLVQFGVGEKNGSVRWVMNALGVKDDWLLVPSHAYKFEKDYEMMEFYFNRGGTYYSISAGNVVIQSLDV
GFQDVVLMKVPTIPKFRDITQHFIKKGDVPRALNRLATLVTTVNGTPMLISEGPLKMEEKATYVHKKNDGTTVDLTVDQA
WRGKGEGLPGMCGGALVSSNQSIQNAILGIHVAGGNSILVAKLVTQEMFQNI
;
A
2 'polypeptide(L)' (ACE)LAA(QMM)(CF0) I
#
loop_
_chem_comp.id
_chem_comp.type
_chem_comp.name
_chem_comp.formula
ACE non-polymer 'ACETYL GROUP' 'C2 H4 O'
BBL non-polymer N-[(BENZYLOXY)CARBONYL]-L-ALANINE 'C11 H13 N O4'
CF0 non-polymer fluoromethane 'C H3 F'
#
# COMPACT_ATOMS: atom_id res chain seq x y z
N SER A 1 -15.09 14.53 -2.45
CA SER A 1 -14.01 15.04 -3.35
C SER A 1 -12.74 14.23 -3.17
N THR A 2 -11.83 14.38 -4.11
CA THR A 2 -10.51 13.76 -3.99
C THR A 2 -9.84 14.18 -2.68
N LEU A 3 -9.89 15.47 -2.38
CA LEU A 3 -9.19 15.99 -1.21
C LEU A 3 -9.74 15.42 0.11
N GLU A 4 -11.06 15.22 0.19
CA GLU A 4 -11.65 14.67 1.41
C GLU A 4 -11.35 13.17 1.58
N ILE A 5 -11.40 12.40 0.50
CA ILE A 5 -10.90 11.01 0.56
C ILE A 5 -9.42 11.02 0.97
N ALA A 6 -8.63 11.93 0.40
CA ALA A 6 -7.20 12.03 0.73
C ALA A 6 -7.00 12.25 2.23
N GLY A 7 -7.87 13.06 2.85
CA GLY A 7 -7.77 13.30 4.29
C GLY A 7 -8.02 12.04 5.10
N LEU A 8 -8.99 11.25 4.67
CA LEU A 8 -9.30 9.97 5.34
C LEU A 8 -8.16 8.97 5.19
N VAL A 9 -7.55 8.96 4.01
CA VAL A 9 -6.37 8.11 3.78
C VAL A 9 -5.22 8.56 4.69
N ARG A 10 -4.94 9.86 4.67
CA ARG A 10 -3.83 10.45 5.41
C ARG A 10 -3.88 10.05 6.89
N LYS A 11 -5.07 10.11 7.47
CA LYS A 11 -5.25 9.82 8.88
C LYS A 11 -4.99 8.34 9.23
N ASN A 12 -5.14 7.46 8.22
CA ASN A 12 -4.97 6.02 8.40
C ASN A 12 -3.61 5.52 7.94
N LEU A 13 -2.80 6.38 7.35
CA LEU A 13 -1.46 5.98 6.92
C LEU A 13 -0.51 5.97 8.07
N VAL A 14 0.25 4.88 8.19
CA VAL A 14 1.33 4.80 9.17
C VAL A 14 2.64 4.44 8.47
N GLN A 15 3.75 4.75 9.11
CA GLN A 15 5.05 4.33 8.58
C GLN A 15 5.32 2.90 9.07
N PHE A 16 5.83 2.08 8.16
CA PHE A 16 6.14 0.68 8.46
C PHE A 16 7.65 0.50 8.47
N GLY A 17 8.17 -0.06 9.55
CA GLY A 17 9.60 -0.30 9.66
C GLY A 17 9.89 -1.70 10.16
N VAL A 18 11.11 -2.15 9.92
CA VAL A 18 11.53 -3.49 10.31
C VAL A 18 12.86 -3.37 11.02
N GLY A 19 13.03 -4.15 12.08
CA GLY A 19 14.32 -4.16 12.77
C GLY A 19 14.56 -5.48 13.47
N GLU A 20 15.82 -5.80 13.71
CA GLU A 20 16.16 -6.90 14.59
C GLU A 20 15.83 -6.48 16.02
N LYS A 21 15.44 -7.44 16.86
CA LYS A 21 15.30 -7.18 18.29
C LYS A 21 16.56 -6.45 18.77
N ASN A 22 16.35 -5.37 19.53
CA ASN A 22 17.44 -4.56 20.11
C ASN A 22 18.28 -3.76 19.10
N GLY A 23 17.84 -3.71 17.85
CA GLY A 23 18.56 -3.01 16.80
C GLY A 23 17.84 -1.77 16.30
N SER A 24 18.48 -1.06 15.38
CA SER A 24 17.90 0.12 14.75
C SER A 24 16.76 -0.28 13.81
N VAL A 25 15.75 0.57 13.75
CA VAL A 25 14.61 0.38 12.84
C VAL A 25 14.98 0.90 11.45
N ARG A 26 14.70 0.09 10.44
CA ARG A 26 14.75 0.54 9.06
C ARG A 26 13.33 0.90 8.65
N TRP A 27 13.07 2.19 8.45
CA TRP A 27 11.77 2.67 7.97
C TRP A 27 11.67 2.49 6.46
N VAL A 28 10.72 1.67 6.02
CA VAL A 28 10.72 1.16 4.65
C VAL A 28 9.69 1.87 3.73
N MET A 29 8.46 1.99 4.22
CA MET A 29 7.37 2.52 3.39
C MET A 29 6.16 2.80 4.28
N ASN A 30 5.02 2.98 3.64
CA ASN A 30 3.74 3.20 4.32
C ASN A 30 2.94 1.91 4.46
N ALA A 31 2.04 1.90 5.44
CA ALA A 31 0.97 0.91 5.51
C ALA A 31 -0.31 1.69 5.73
N LEU A 32 -1.42 1.14 5.27
CA LEU A 32 -2.71 1.84 5.37
C LEU A 32 -3.68 1.07 6.25
N GLY A 33 -4.05 1.65 7.40
CA GLY A 33 -5.12 1.06 8.20
C GLY A 33 -6.43 1.07 7.43
N VAL A 34 -7.18 -0.03 7.49
CA VAL A 34 -8.46 -0.08 6.77
C VAL A 34 -9.69 -0.30 7.68
N LYS A 35 -9.51 -1.03 8.78
CA LYS A 35 -10.61 -1.36 9.69
C LYS A 35 -10.03 -2.04 10.91
N ASP A 36 -10.58 -1.72 12.09
CA ASP A 36 -10.16 -2.42 13.32
C ASP A 36 -8.62 -2.35 13.40
N ASP A 37 -7.95 -3.49 13.61
CA ASP A 37 -6.47 -3.51 13.69
C ASP A 37 -5.85 -4.11 12.42
N TRP A 38 -6.55 -4.00 11.30
CA TRP A 38 -6.07 -4.49 10.02
C TRP A 38 -5.50 -3.37 9.14
N LEU A 39 -4.36 -3.66 8.52
CA LEU A 39 -3.73 -2.71 7.57
C LEU A 39 -3.47 -3.41 6.25
N LEU A 40 -3.40 -2.63 5.18
CA LEU A 40 -2.82 -3.07 3.92
C LEU A 40 -1.36 -2.69 3.89
N VAL A 41 -0.49 -3.64 3.50
CA VAL A 41 0.92 -3.30 3.34
C VAL A 41 1.53 -4.17 2.25
N PRO A 42 2.40 -3.59 1.39
CA PRO A 42 3.11 -4.43 0.42
C PRO A 42 4.03 -5.42 1.12
N SER A 43 3.79 -6.71 0.91
CA SER A 43 4.59 -7.73 1.60
C SER A 43 6.05 -7.72 1.13
N HIS A 44 6.32 -7.11 -0.02
CA HIS A 44 7.73 -6.96 -0.43
C HIS A 44 8.59 -6.13 0.54
N ALA A 45 7.93 -5.39 1.43
CA ALA A 45 8.62 -4.68 2.51
C ALA A 45 9.44 -5.59 3.41
N TYR A 46 9.03 -6.85 3.55
CA TYR A 46 9.64 -7.73 4.55
C TYR A 46 9.90 -9.17 4.07
N LYS A 47 9.10 -9.70 3.14
CA LYS A 47 9.06 -11.17 2.98
C LYS A 47 10.28 -11.77 2.26
N PHE A 48 11.09 -10.94 1.62
CA PHE A 48 12.26 -11.46 0.88
C PHE A 48 13.58 -11.41 1.64
N GLU A 49 13.55 -10.96 2.88
CA GLU A 49 14.75 -10.93 3.70
C GLU A 49 14.79 -12.16 4.60
N LYS A 50 15.99 -12.57 5.00
CA LYS A 50 16.19 -13.78 5.79
C LYS A 50 15.53 -13.67 7.16
N ASP A 51 14.82 -14.72 7.58
CA ASP A 51 14.26 -14.83 8.94
C ASP A 51 13.35 -13.67 9.33
N TYR A 52 12.44 -13.29 8.43
CA TYR A 52 11.58 -12.12 8.66
C TYR A 52 10.81 -12.28 9.98
N GLU A 53 10.40 -13.50 10.29
CA GLU A 53 9.53 -13.75 11.45
C GLU A 53 10.19 -13.49 12.78
N MET A 54 11.52 -13.45 12.78
CA MET A 54 12.25 -13.17 14.00
C MET A 54 12.53 -11.67 14.13
N MET A 55 12.07 -10.89 13.16
CA MET A 55 12.24 -9.44 13.21
C MET A 55 11.13 -8.82 14.03
N GLU A 56 11.33 -7.56 14.37
CA GLU A 56 10.31 -6.71 14.98
C GLU A 56 9.77 -5.82 13.88
N PHE A 57 8.45 -5.70 13.82
CA PHE A 57 7.78 -4.76 12.91
C PHE A 57 7.40 -3.53 13.72
N TYR A 58 7.58 -2.37 13.09
CA TYR A 58 7.31 -1.09 13.74
C TYR A 58 6.29 -0.33 12.95
N PHE A 59 5.37 0.31 13.67
CA PHE A 59 4.36 1.17 13.06
C PHE A 59 4.40 2.53 13.71
N ASN A 60 4.69 3.54 12.90
CA ASN A 60 4.79 4.90 13.39
C ASN A 60 3.51 5.63 13.03
N ARG A 61 2.73 5.94 14.06
CA ARG A 61 1.49 6.67 13.89
C ARG A 61 1.69 8.08 14.44
N GLY A 62 2.12 8.99 13.57
CA GLY A 62 2.38 10.39 13.93
C GLY A 62 3.31 10.63 15.10
N GLY A 63 4.40 9.87 15.17
CA GLY A 63 5.38 9.99 16.23
C GLY A 63 5.08 9.18 17.47
N THR A 64 3.98 8.41 17.45
CA THR A 64 3.76 7.41 18.48
C THR A 64 4.03 6.05 17.82
N TYR A 65 4.93 5.30 18.43
CA TYR A 65 5.45 4.06 17.85
C TYR A 65 4.82 2.82 18.47
N TYR A 66 4.49 1.85 17.61
CA TYR A 66 3.94 0.58 18.06
C TYR A 66 4.79 -0.51 17.43
N SER A 67 5.21 -1.46 18.23
CA SER A 67 6.04 -2.51 17.68
C SER A 67 5.47 -3.85 18.05
N ILE A 68 5.84 -4.87 17.29
CA ILE A 68 5.38 -6.20 17.55
C ILE A 68 6.33 -7.17 16.87
N SER A 69 6.45 -8.35 17.46
CA SER A 69 7.15 -9.42 16.76
C SER A 69 6.43 -9.77 15.45
N ALA A 70 7.22 -9.93 14.38
CA ALA A 70 6.66 -10.32 13.09
C ALA A 70 5.85 -11.61 13.20
N GLY A 71 6.20 -12.49 14.14
CA GLY A 71 5.47 -13.75 14.32
C GLY A 71 4.10 -13.59 14.95
N ASN A 72 3.81 -12.38 15.43
CA ASN A 72 2.55 -12.10 16.12
C ASN A 72 1.58 -11.23 15.30
N VAL A 73 1.95 -10.90 14.06
CA VAL A 73 0.99 -10.28 13.16
C VAL A 73 0.35 -11.37 12.31
N VAL A 74 -0.92 -11.21 11.98
CA VAL A 74 -1.61 -12.22 11.17
C VAL A 74 -1.74 -11.70 9.74
N ILE A 75 -1.12 -12.41 8.82
CA ILE A 75 -1.10 -11.97 7.41
C ILE A 75 -2.16 -12.74 6.61
N GLN A 76 -3.00 -12.01 5.86
CA GLN A 76 -4.07 -12.62 5.07
C GLN A 76 -3.98 -12.13 3.62
N SER A 77 -4.08 -13.05 2.68
CA SER A 77 -4.02 -12.71 1.26
C SER A 77 -5.27 -11.99 0.75
N LEU A 78 -5.08 -11.14 -0.27
CA LEU A 78 -6.20 -10.43 -0.91
C LEU A 78 -6.97 -11.32 -1.86
N ASP A 79 -6.26 -12.28 -2.43
CA ASP A 79 -6.83 -13.18 -3.44
C ASP A 79 -5.84 -14.32 -3.61
N VAL A 80 -6.16 -15.27 -4.49
CA VAL A 80 -5.26 -16.37 -4.79
C VAL A 80 -3.98 -15.85 -5.45
N GLY A 81 -2.87 -16.53 -5.20
CA GLY A 81 -1.61 -16.16 -5.81
C GLY A 81 -0.92 -15.01 -5.10
N PHE A 82 0.18 -14.54 -5.67
CA PHE A 82 0.94 -13.45 -5.07
C PHE A 82 0.41 -12.12 -5.56
N GLN A 83 -0.03 -11.27 -4.62
CA GLN A 83 -0.54 -9.97 -4.99
C GLN A 83 0.27 -8.83 -4.39
N ASP A 84 1.34 -9.21 -3.68
CA ASP A 84 2.26 -8.30 -2.99
C ASP A 84 1.57 -7.67 -1.78
N VAL A 85 0.60 -6.80 -2.03
CA VAL A 85 -0.16 -6.20 -0.93
C VAL A 85 -0.91 -7.30 -0.19
N VAL A 86 -0.80 -7.29 1.14
CA VAL A 86 -1.50 -8.24 2.01
C VAL A 86 -2.28 -7.44 3.05
N LEU A 87 -3.22 -8.13 3.69
CA LEU A 87 -3.89 -7.64 4.90
C LEU A 87 -3.08 -8.14 6.09
N MET A 88 -2.84 -7.24 7.04
CA MET A 88 -2.00 -7.57 8.19
C MET A 88 -2.72 -7.11 9.45
N LYS A 89 -3.00 -8.07 10.36
CA LYS A 89 -3.64 -7.75 11.64
C LYS A 89 -2.52 -7.51 12.66
N VAL A 90 -2.56 -6.35 13.31
CA VAL A 90 -1.51 -5.94 14.25
C VAL A 90 -2.18 -5.66 15.61
N PRO A 91 -2.17 -6.65 16.51
CA PRO A 91 -2.93 -6.51 17.77
C PRO A 91 -2.57 -5.29 18.62
N THR A 92 -1.35 -4.76 18.48
CA THR A 92 -0.90 -3.63 19.32
C THR A 92 -1.26 -2.24 18.75
N ILE A 93 -1.81 -2.22 17.54
CA ILE A 93 -2.11 -0.92 16.90
C ILE A 93 -3.45 -0.38 17.41
N PRO A 94 -3.55 0.97 17.61
CA PRO A 94 -4.89 1.49 17.95
C PRO A 94 -5.84 1.28 16.77
N LYS A 95 -7.11 1.01 17.08
CA LYS A 95 -8.16 0.78 16.08
C LYS A 95 -8.18 1.90 15.06
N PHE A 96 -8.38 1.54 13.79
CA PHE A 96 -8.52 2.51 12.72
C PHE A 96 -9.97 2.85 12.41
N ARG A 97 -10.22 4.07 11.92
CA ARG A 97 -11.48 4.38 11.27
C ARG A 97 -11.65 3.41 10.10
N ASP A 98 -12.82 2.79 10.02
CA ASP A 98 -13.17 1.89 8.93
C ASP A 98 -13.32 2.69 7.65
N ILE A 99 -12.36 2.51 6.74
CA ILE A 99 -12.43 3.18 5.42
C ILE A 99 -12.69 2.21 4.27
N THR A 100 -13.05 0.97 4.62
CA THR A 100 -13.29 -0.06 3.60
C THR A 100 -14.39 0.30 2.57
N GLN A 101 -15.42 1.01 3.01
CA GLN A 101 -16.53 1.40 2.10
C GLN A 101 -16.14 2.46 1.08
N HIS A 102 -14.95 3.03 1.23
CA HIS A 102 -14.43 4.04 0.30
C HIS A 102 -13.58 3.42 -0.79
N PHE A 103 -13.38 2.10 -0.73
CA PHE A 103 -12.64 1.40 -1.78
C PHE A 103 -13.57 1.10 -2.93
N ILE A 104 -13.01 1.02 -4.13
CA ILE A 104 -13.80 0.72 -5.32
C ILE A 104 -14.40 -0.68 -5.26
N LYS A 105 -15.65 -0.82 -5.70
CA LYS A 105 -16.24 -2.14 -5.94
C LYS A 105 -15.69 -2.72 -7.25
N LYS A 106 -15.50 -4.04 -7.26
CA LYS A 106 -14.97 -4.71 -8.45
C LYS A 106 -15.73 -4.30 -9.73
N GLY A 107 -17.06 -4.31 -9.65
CA GLY A 107 -17.92 -3.97 -10.77
C GLY A 107 -17.75 -2.55 -11.30
N ASP A 108 -17.24 -1.65 -10.45
CA ASP A 108 -17.05 -0.24 -10.83
C ASP A 108 -15.66 0.10 -11.39
N VAL A 109 -14.76 -0.88 -11.43
CA VAL A 109 -13.42 -0.67 -11.97
C VAL A 109 -13.36 0.09 -13.31
N PRO A 110 -14.20 -0.29 -14.30
CA PRO A 110 -14.14 0.43 -15.58
C PRO A 110 -14.36 1.95 -15.46
N ARG A 111 -15.10 2.37 -14.43
CA ARG A 111 -15.39 3.78 -14.23
C ARG A 111 -14.17 4.64 -13.83
N ALA A 112 -13.10 4.01 -13.36
CA ALA A 112 -11.87 4.76 -13.04
C ALA A 112 -10.86 4.81 -14.18
N LEU A 113 -11.04 3.95 -15.18
CA LEU A 113 -10.12 3.91 -16.32
C LEU A 113 -10.18 5.19 -17.15
N ASN A 114 -9.04 5.59 -17.74
CA ASN A 114 -8.98 6.75 -18.64
C ASN A 114 -9.21 8.09 -17.97
N ARG A 115 -9.14 8.09 -16.63
CA ARG A 115 -9.34 9.31 -15.85
C ARG A 115 -8.16 9.50 -14.93
N LEU A 116 -7.95 10.75 -14.53
CA LEU A 116 -6.88 11.10 -13.61
C LEU A 116 -7.10 10.47 -12.24
N ALA A 117 -6.02 10.42 -11.47
CA ALA A 117 -6.11 9.94 -10.10
C ALA A 117 -5.03 10.61 -9.31
N THR A 118 -5.10 10.45 -7.99
CA THR A 118 -4.12 11.06 -7.11
C THR A 118 -3.58 10.00 -6.16
N LEU A 119 -2.27 9.88 -6.10
CA LEU A 119 -1.63 9.00 -5.13
C LEU A 119 -1.49 9.77 -3.83
N VAL A 120 -2.12 9.25 -2.78
CA VAL A 120 -2.11 9.87 -1.46
C VAL A 120 -1.17 9.06 -0.62
N THR A 121 0.00 9.64 -0.35
CA THR A 121 1.05 8.86 0.27
C THR A 121 1.88 9.73 1.18
N THR A 122 3.00 9.18 1.67
CA THR A 122 4.01 9.96 2.37
C THR A 122 5.39 9.50 1.96
N VAL A 123 6.37 10.35 2.22
CA VAL A 123 7.74 9.88 2.29
C VAL A 123 8.15 10.05 3.76
N ASN A 124 8.39 8.92 4.42
CA ASN A 124 8.60 8.84 5.87
C ASN A 124 7.77 9.81 6.67
N GLY A 125 6.47 9.79 6.38
CA GLY A 125 5.50 10.51 7.20
C GLY A 125 5.12 11.89 6.69
N THR A 126 5.88 12.43 5.75
CA THR A 126 5.55 13.73 5.17
C THR A 126 4.52 13.50 4.07
N PRO A 127 3.30 14.03 4.26
CA PRO A 127 2.22 13.73 3.31
C PRO A 127 2.43 14.39 1.94
N MET A 128 2.10 13.66 0.89
CA MET A 128 2.25 14.16 -0.46
C MET A 128 1.07 13.71 -1.29
N LEU A 129 0.69 14.56 -2.24
CA LEU A 129 -0.34 14.23 -3.22
C LEU A 129 0.35 14.19 -4.58
N ILE A 130 0.29 13.04 -5.23
CA ILE A 130 1.01 12.85 -6.47
C ILE A 130 0.02 12.63 -7.62
N SER A 131 0.01 13.55 -8.59
CA SER A 131 -0.91 13.43 -9.71
C SER A 131 -0.52 12.25 -10.58
N GLU A 132 -1.51 11.49 -11.02
CA GLU A 132 -1.28 10.38 -11.92
C GLU A 132 -2.15 10.58 -13.14
N GLY A 133 -1.58 10.31 -14.31
CA GLY A 133 -2.24 10.59 -15.59
C GLY A 133 -3.39 9.64 -15.80
N PRO A 134 -4.08 9.74 -16.94
CA PRO A 134 -5.23 8.87 -17.13
C PRO A 134 -4.84 7.40 -16.92
N LEU A 135 -5.64 6.70 -16.12
CA LEU A 135 -5.32 5.35 -15.66
C LEU A 135 -5.61 4.26 -16.68
N LYS A 136 -4.71 3.29 -16.74
CA LYS A 136 -4.99 2.04 -17.41
C LYS A 136 -4.89 0.89 -16.40
N MET A 137 -5.42 -0.27 -16.78
CA MET A 137 -5.32 -1.46 -15.95
C MET A 137 -4.50 -2.51 -16.69
N GLU A 138 -3.44 -2.96 -16.06
CA GLU A 138 -2.62 -4.06 -16.57
C GLU A 138 -3.09 -5.34 -15.92
N GLU A 139 -3.42 -6.34 -16.73
CA GLU A 139 -3.88 -7.60 -16.17
C GLU A 139 -2.76 -8.27 -15.38
N LYS A 140 -1.53 -8.14 -15.87
CA LYS A 140 -0.36 -8.53 -15.09
C LYS A 140 0.67 -7.41 -15.13
N ALA A 141 1.26 -7.10 -13.98
CA ALA A 141 2.34 -6.13 -13.90
C ALA A 141 3.55 -6.72 -13.24
N THR A 142 4.73 -6.41 -13.76
CA THR A 142 5.99 -6.92 -13.22
C THR A 142 6.90 -5.75 -12.86
N TYR A 143 7.53 -5.84 -11.70
CA TYR A 143 8.45 -4.82 -11.23
C TYR A 143 9.57 -5.41 -10.41
N VAL A 144 10.67 -4.69 -10.30
CA VAL A 144 11.88 -5.19 -9.69
C VAL A 144 12.04 -4.66 -8.25
N HIS A 145 12.18 -5.58 -7.31
CA HIS A 145 12.44 -5.20 -5.94
C HIS A 145 13.91 -5.41 -5.64
N LYS A 146 14.56 -4.38 -5.11
CA LYS A 146 15.94 -4.47 -4.65
C LYS A 146 15.95 -4.78 -3.16
N LYS A 147 16.62 -5.87 -2.80
CA LYS A 147 16.71 -6.29 -1.42
C LYS A 147 17.81 -5.51 -0.71
N ASN A 148 17.93 -5.68 0.61
CA ASN A 148 18.95 -4.98 1.39
C ASN A 148 20.39 -5.26 0.95
N ASP A 149 20.69 -6.50 0.58
CA ASP A 149 22.05 -6.88 0.18
C ASP A 149 22.44 -6.35 -1.20
N GLY A 150 21.45 -5.98 -2.00
CA GLY A 150 21.69 -5.45 -3.34
C GLY A 150 21.09 -6.29 -4.44
N THR A 151 20.93 -7.59 -4.20
CA THR A 151 20.30 -8.50 -5.17
C THR A 151 18.86 -8.09 -5.44
N THR A 152 18.30 -8.57 -6.54
CA THR A 152 16.95 -8.17 -6.93
C THR A 152 16.06 -9.36 -7.22
N VAL A 153 14.76 -9.14 -7.07
CA VAL A 153 13.75 -10.13 -7.43
C VAL A 153 12.70 -9.46 -8.30
N ASP A 154 12.24 -10.19 -9.30
CA ASP A 154 11.11 -9.75 -10.13
C ASP A 154 9.81 -10.17 -9.48
N LEU A 155 8.91 -9.20 -9.29
CA LEU A 155 7.59 -9.48 -8.74
C LEU A 155 6.51 -9.28 -9.79
N THR A 156 5.55 -10.20 -9.82
CA THR A 156 4.40 -10.09 -10.73
C THR A 156 3.09 -10.20 -9.97
N VAL A 157 2.20 -9.25 -10.23
CA VAL A 157 0.86 -9.25 -9.64
C VAL A 157 -0.22 -9.17 -10.70
N ASP A 158 -1.43 -9.58 -10.33
CA ASP A 158 -2.61 -9.43 -11.18
C ASP A 158 -3.29 -8.11 -10.92
N GLN A 159 -3.84 -7.51 -11.97
CA GLN A 159 -4.66 -6.31 -11.89
C GLN A 159 -3.95 -5.19 -11.14
N ALA A 160 -3.16 -4.43 -11.87
CA ALA A 160 -2.50 -3.26 -11.32
C ALA A 160 -2.75 -2.06 -12.20
N TRP A 161 -3.13 -0.96 -11.55
CA TRP A 161 -3.29 0.32 -12.21
C TRP A 161 -1.94 0.86 -12.66
N ARG A 162 -1.93 1.50 -13.82
CA ARG A 162 -0.74 2.14 -14.36
C ARG A 162 -1.10 3.57 -14.76
N GLY A 163 -0.36 4.53 -14.25
CA GLY A 163 -0.61 5.93 -14.57
C GLY A 163 0.69 6.67 -14.73
N LYS A 164 0.70 7.67 -15.59
CA LYS A 164 1.87 8.52 -15.74
C LYS A 164 2.06 9.37 -14.48
N GLY A 165 3.28 9.39 -13.95
CA GLY A 165 3.59 10.24 -12.82
C GLY A 165 4.98 10.01 -12.26
N GLU A 166 5.33 10.86 -11.30
CA GLU A 166 6.68 10.90 -10.71
C GLU A 166 6.62 10.52 -9.24
N GLY A 167 7.21 9.38 -8.91
CA GLY A 167 7.24 8.92 -7.54
C GLY A 167 8.64 8.95 -6.95
N LEU A 168 8.73 8.63 -5.66
CA LEU A 168 10.00 8.55 -4.97
C LEU A 168 10.04 7.31 -4.08
N PRO A 169 11.26 6.85 -3.74
CA PRO A 169 11.42 5.79 -2.76
C PRO A 169 10.67 6.15 -1.47
N GLY A 170 9.98 5.15 -0.93
CA GLY A 170 9.23 5.33 0.31
C GLY A 170 7.75 5.56 0.12
N MET A 171 7.32 5.87 -1.11
CA MET A 171 5.90 6.12 -1.39
C MET A 171 5.01 4.88 -1.45
N CYS A 172 5.62 3.69 -1.55
CA CYS A 172 4.84 2.45 -1.56
C CYS A 172 3.94 2.40 -0.32
N GLY A 173 2.80 1.75 -0.47
CA GLY A 173 1.81 1.62 0.60
C GLY A 173 0.80 2.76 0.66
N GLY A 174 1.08 3.86 -0.06
CA GLY A 174 0.09 4.94 -0.24
C GLY A 174 -1.10 4.46 -1.06
N ALA A 175 -2.18 5.24 -1.01
CA ALA A 175 -3.42 4.85 -1.68
C ALA A 175 -3.67 5.66 -2.94
N LEU A 176 -4.09 4.98 -4.00
CA LEU A 176 -4.46 5.63 -5.24
C LEU A 176 -5.95 5.97 -5.18
N VAL A 177 -6.27 7.24 -5.44
CA VAL A 177 -7.64 7.77 -5.29
C VAL A 177 -8.14 8.31 -6.65
N SER A 178 -9.27 7.80 -7.10
CA SER A 178 -9.81 8.24 -8.41
C SER A 178 -10.28 9.68 -8.38
N SER A 179 -10.07 10.39 -9.50
CA SER A 179 -10.64 11.72 -9.70
C SER A 179 -12.14 11.68 -9.98
N ASN A 180 -12.69 10.48 -10.23
CA ASN A 180 -14.07 10.34 -10.64
C ASN A 180 -15.05 10.52 -9.47
N GLN A 181 -15.70 11.68 -9.44
CA GLN A 181 -16.64 11.98 -8.36
C GLN A 181 -17.91 11.13 -8.38
N SER A 182 -18.23 10.54 -9.55
CA SER A 182 -19.45 9.76 -9.65
C SER A 182 -19.32 8.39 -8.99
N ILE A 183 -18.10 7.93 -8.73
CA ILE A 183 -17.86 6.79 -7.86
C ILE A 183 -17.25 7.25 -6.52
N GLN A 184 -17.59 8.48 -6.16
CA GLN A 184 -17.22 9.07 -4.87
C GLN A 184 -15.70 9.00 -4.64
N ASN A 185 -14.96 9.26 -5.72
CA ASN A 185 -13.50 9.36 -5.67
C ASN A 185 -12.89 8.15 -4.97
N ALA A 186 -13.32 6.98 -5.41
CA ALA A 186 -13.01 5.73 -4.72
C ALA A 186 -11.51 5.49 -4.60
N ILE A 187 -11.13 4.88 -3.47
CA ILE A 187 -9.76 4.37 -3.34
C ILE A 187 -9.63 3.15 -4.24
N LEU A 188 -8.59 3.16 -5.10
CA LEU A 188 -8.47 2.16 -6.15
C LEU A 188 -7.49 1.06 -5.82
N GLY A 189 -6.61 1.34 -4.88
CA GLY A 189 -5.56 0.38 -4.56
C GLY A 189 -4.37 1.01 -3.90
N ILE A 190 -3.29 0.25 -3.90
CA ILE A 190 -2.13 0.56 -3.09
C ILE A 190 -0.89 0.64 -3.96
N HIS A 191 -0.17 1.74 -3.82
CA HIS A 191 1.04 1.95 -4.61
C HIS A 191 2.11 0.92 -4.29
N VAL A 192 2.65 0.29 -5.35
CA VAL A 192 3.69 -0.75 -5.18
C VAL A 192 4.98 -0.52 -5.98
N ALA A 193 4.93 0.26 -7.06
CA ALA A 193 6.12 0.40 -7.90
C ALA A 193 6.08 1.65 -8.75
N GLY A 194 7.26 2.06 -9.22
CA GLY A 194 7.36 3.23 -10.09
C GLY A 194 8.67 3.23 -10.83
N GLY A 195 8.68 3.87 -11.98
CA GLY A 195 9.90 4.02 -12.77
C GLY A 195 9.56 4.47 -14.15
N ASN A 196 10.51 5.12 -14.81
CA ASN A 196 10.32 5.67 -16.15
C ASN A 196 9.03 6.49 -16.26
N SER A 197 8.77 7.29 -15.25
CA SER A 197 7.59 8.18 -15.18
C SER A 197 6.24 7.44 -15.19
N ILE A 198 6.23 6.23 -14.66
CA ILE A 198 4.97 5.50 -14.52
C ILE A 198 4.83 4.95 -13.12
N LEU A 199 3.60 5.03 -12.59
CA LEU A 199 3.32 4.62 -11.24
C LEU A 199 2.36 3.46 -11.25
N VAL A 200 2.62 2.47 -10.40
CA VAL A 200 1.86 1.22 -10.44
C VAL A 200 1.25 0.95 -9.06
N ALA A 201 -0.06 0.70 -9.05
CA ALA A 201 -0.79 0.39 -7.82
C ALA A 201 -1.57 -0.92 -7.96
N LYS A 202 -1.40 -1.82 -7.00
CA LYS A 202 -2.20 -3.03 -6.98
C LYS A 202 -3.67 -2.69 -6.74
N LEU A 203 -4.56 -3.20 -7.60
CA LEU A 203 -6.00 -3.05 -7.38
C LEU A 203 -6.42 -3.67 -6.05
N VAL A 204 -7.16 -2.90 -5.24
CA VAL A 204 -7.79 -3.44 -4.05
C VAL A 204 -9.24 -3.02 -4.07
N THR A 205 -10.13 -4.01 -4.08
CA THR A 205 -11.57 -3.76 -4.13
C THR A 205 -12.22 -3.97 -2.78
N GLN A 206 -13.42 -3.43 -2.63
CA GLN A 206 -14.20 -3.69 -1.41
C GLN A 206 -14.35 -5.17 -1.11
N GLU A 207 -14.57 -5.95 -2.15
CA GLU A 207 -14.84 -7.38 -2.03
C GLU A 207 -13.67 -8.12 -1.40
N MET A 208 -12.45 -7.60 -1.60
CA MET A 208 -11.27 -8.24 -1.05
C MET A 208 -11.21 -8.24 0.48
N PHE A 209 -11.91 -7.29 1.10
CA PHE A 209 -11.92 -7.21 2.57
C PHE A 209 -12.71 -8.36 3.21
N GLN A 210 -13.46 -9.10 2.40
CA GLN A 210 -14.18 -10.29 2.87
C GLN A 210 -13.21 -11.39 3.35
N ASN A 211 -11.96 -11.31 2.91
CA ASN A 211 -10.90 -12.20 3.40
C ASN A 211 -10.58 -11.93 4.88
N ILE A 212 -11.39 -11.08 5.49
CA ILE A 212 -11.31 -10.61 6.90
C ILE A 212 -10.15 -9.62 7.14
C ACE B 1 11.15 0.03 -14.64
O ACE B 1 11.56 1.08 -14.10
CH3 ACE B 1 11.72 -0.44 -15.96
N LEU B 2 10.20 -0.74 -14.10
CA LEU B 2 9.57 -0.43 -12.82
C LEU B 2 10.37 -1.02 -11.68
N ALA B 3 10.50 -0.25 -10.60
CA ALA B 3 11.14 -0.71 -9.37
C ALA B 3 10.16 -0.60 -8.21
N ALA B 4 10.18 -1.59 -7.33
CA ALA B 4 9.42 -1.53 -6.09
C ALA B 4 9.77 -0.24 -5.38
C QMM B 5 8.16 1.79 -3.09
CD QMM B 5 8.66 4.68 -6.91
CG QMM B 5 9.31 3.77 -5.89
N QMM B 5 8.72 0.53 -5.06
OE1 QMM B 5 7.45 4.90 -6.89
NE2 QMM B 5 9.49 5.22 -7.81
CH1 QMM B 5 10.93 4.96 -7.84
CH2 QMM B 5 9.03 6.12 -8.86
CA QMM B 5 8.87 1.83 -4.42
CB QMM B 5 8.26 2.91 -5.28
O QMM B 5 8.35 2.81 -2.06
C1 CF0 B 6 8.10 0.46 -2.29
OG2 BBL C . -16.39 7.52 7.61
CB2 BBL C . -17.35 7.27 6.83
OG1 BBL C . -18.55 7.40 7.20
CA BBL C . -17.02 6.78 5.44
CBZ BBL C . -15.96 7.62 4.71
N BBL C . -18.21 6.66 4.62
C BBL C . -18.90 5.53 4.55
O BBL C . -18.62 4.49 5.14
OEZ BBL C . -20.07 5.58 3.69
CB BBL C . -21.17 4.68 3.88
CG BBL C . -22.43 5.35 3.43
CD1 BBL C . -23.50 4.55 3.02
CE1 BBL C . -24.69 5.16 2.60
CZ BBL C . -24.80 6.53 2.60
CE2 BBL C . -23.73 7.33 3.02
CD2 BBL C . -22.55 6.73 3.43
#